data_7YT9
#
_entry.id   7YT9
#
_cell.length_a   78.538
_cell.length_b   129.205
_cell.length_c   167.049
_cell.angle_alpha   90.000
_cell.angle_beta   90.000
_cell.angle_gamma   90.000
#
_symmetry.space_group_name_H-M   'I 21 21 21'
#
loop_
_entity.id
_entity.type
_entity.pdbx_description
1 polymer 'AGD1-4 of Arabidopsis AGDP3'
2 water water
#
_entity_poly.entity_id   1
_entity_poly.type   'polypeptide(L)'
_entity_poly.pdbx_seq_one_letter_code
;SMEETIRKGSEVEVSSTEEGFADAWFRGILQENPTKSGRKKLRVRYLTLLNDDALSPLIENIEPRFIRPVPPENEYNGIV
LEEGTVVDADHKDGWWTGVIIKKLENGKFWVYYDSPPDIIEFERNQLRPHLRWSGWKWLRPDIQELDKSMFSSGTMAEVS
TIVDKAEVAWFPAMIIKEIEVDGEKKFIVKDCNKHLSFSGDEARTNSTIDSSRVRPTPPPFPVEKYELMDRVEVFRGSVW
RQGLVRGVLDHNCYMVCLVVTAAAPVVKHSDLRPCKVWEDGQTPVIETPSN
;
_entity_poly.pdbx_strand_id   A,B
#
# COMPACT_ATOMS: atom_id res chain seq x y z
N THR A 5 2.44 21.17 -19.44
CA THR A 5 1.01 21.05 -19.70
C THR A 5 0.20 21.67 -18.58
N ILE A 6 0.84 22.53 -17.81
CA ILE A 6 0.15 23.15 -16.69
C ILE A 6 -1.00 24.01 -17.17
N ARG A 7 -2.08 24.02 -16.42
CA ARG A 7 -3.29 24.73 -16.82
C ARG A 7 -3.72 25.63 -15.66
N LYS A 8 -4.66 26.53 -15.89
CA LYS A 8 -5.02 27.50 -14.89
C LYS A 8 -5.53 26.85 -13.61
N GLY A 9 -6.33 25.81 -13.73
CA GLY A 9 -6.84 25.14 -12.55
C GLY A 9 -5.87 24.21 -11.83
N SER A 10 -4.87 23.71 -12.56
CA SER A 10 -3.91 22.75 -12.03
C SER A 10 -3.44 22.96 -10.59
N GLU A 11 -3.48 21.89 -9.80
CA GLU A 11 -2.72 21.92 -8.56
C GLU A 11 -1.28 21.80 -9.02
N VAL A 12 -0.37 22.26 -8.18
CA VAL A 12 0.99 22.49 -8.59
C VAL A 12 1.86 22.37 -7.34
N GLU A 13 3.14 22.07 -7.51
CA GLU A 13 4.04 22.01 -6.35
C GLU A 13 5.16 23.02 -6.53
N VAL A 14 5.38 23.88 -5.54
CA VAL A 14 6.44 24.89 -5.73
C VAL A 14 7.57 24.68 -4.76
N SER A 15 8.77 24.77 -5.33
CA SER A 15 10.02 24.56 -4.62
C SER A 15 10.32 25.68 -3.66
N SER A 16 11.20 25.37 -2.72
CA SER A 16 11.53 26.24 -1.62
C SER A 16 12.70 27.13 -1.98
N THR A 17 12.52 28.43 -1.84
CA THR A 17 13.57 29.34 -2.17
C THR A 17 14.56 29.40 -0.99
N GLU A 18 14.00 29.27 0.21
CA GLU A 18 14.64 29.67 1.46
C GLU A 18 15.46 28.59 2.17
N GLU A 19 16.27 29.03 3.14
CA GLU A 19 17.09 28.14 3.95
C GLU A 19 16.27 27.36 4.97
N GLY A 20 16.62 26.08 5.14
CA GLY A 20 15.88 25.21 6.03
C GLY A 20 14.64 24.72 5.32
N PHE A 21 14.57 25.00 4.03
CA PHE A 21 13.43 24.60 3.23
C PHE A 21 13.86 23.74 2.05
N ALA A 22 15.17 23.51 1.96
CA ALA A 22 15.77 22.77 0.84
C ALA A 22 14.98 21.54 0.37
N ASP A 23 14.27 20.89 1.28
CA ASP A 23 13.68 19.61 0.91
C ASP A 23 12.17 19.58 0.93
N ALA A 24 11.54 20.74 0.76
CA ALA A 24 10.09 20.82 0.75
C ALA A 24 9.53 21.11 -0.65
N TRP A 25 8.27 20.73 -0.86
CA TRP A 25 7.51 21.11 -2.05
C TRP A 25 6.12 21.52 -1.59
N PHE A 26 5.77 22.79 -1.73
CA PHE A 26 4.49 23.25 -1.19
C PHE A 26 3.34 23.04 -2.18
N ARG A 27 2.16 22.76 -1.63
CA ARG A 27 0.95 22.65 -2.44
C ARG A 27 0.47 24.04 -2.84
N GLY A 28 0.21 24.21 -4.14
CA GLY A 28 -0.37 25.44 -4.61
C GLY A 28 -1.36 25.27 -5.75
N ILE A 29 -2.16 26.30 -5.96
CA ILE A 29 -3.04 26.38 -7.11
C ILE A 29 -2.55 27.47 -8.05
N LEU A 30 -2.16 27.07 -9.25
CA LEU A 30 -1.67 28.03 -10.20
C LEU A 30 -2.78 28.93 -10.68
N GLN A 31 -2.49 30.22 -10.78
CA GLN A 31 -3.48 31.17 -11.22
C GLN A 31 -3.20 31.58 -12.68
N GLU A 32 -2.31 30.87 -13.37
CA GLU A 32 -1.87 31.38 -14.67
C GLU A 32 -1.61 30.34 -15.75
N ASN A 33 -1.77 30.80 -16.98
CA ASN A 33 -1.25 30.10 -18.15
C ASN A 33 -0.02 30.75 -18.81
N PRO A 34 1.12 30.03 -18.84
CA PRO A 34 2.31 30.65 -19.47
C PRO A 34 2.17 30.91 -20.98
N LYS A 41 7.72 35.14 -14.22
CA LYS A 41 7.07 34.81 -12.95
C LYS A 41 5.61 34.43 -13.17
N LEU A 42 5.11 33.57 -12.29
CA LEU A 42 3.74 33.06 -12.36
C LEU A 42 3.02 33.15 -11.01
N ARG A 43 1.71 33.33 -11.07
CA ARG A 43 0.93 33.60 -9.86
C ARG A 43 0.34 32.33 -9.26
N VAL A 44 0.63 32.08 -7.99
CA VAL A 44 0.13 30.89 -7.31
C VAL A 44 -0.49 31.23 -5.97
N ARG A 45 -1.59 30.57 -5.65
CA ARG A 45 -2.18 30.65 -4.32
C ARG A 45 -1.77 29.40 -3.52
N TYR A 46 -1.20 29.58 -2.33
CA TYR A 46 -0.77 28.42 -1.53
C TYR A 46 -1.92 27.75 -0.82
N LEU A 47 -2.01 26.43 -0.93
CA LEU A 47 -2.92 25.68 -0.07
C LEU A 47 -2.32 25.61 1.33
N THR A 48 -2.95 26.29 2.27
CA THR A 48 -2.38 26.39 3.60
C THR A 48 -3.37 25.87 4.62
N LEU A 49 -2.88 25.43 5.77
CA LEU A 49 -3.79 24.96 6.79
C LEU A 49 -4.35 26.13 7.53
N LEU A 50 -5.44 25.91 8.26
CA LEU A 50 -6.08 26.98 9.02
C LEU A 50 -6.55 28.12 8.12
N ASN A 51 -6.84 27.80 6.87
CA ASN A 51 -7.35 28.77 5.91
C ASN A 51 -8.84 28.61 5.70
N ASP A 52 -9.62 29.63 6.03
CA ASP A 52 -11.03 29.65 5.64
C ASP A 52 -11.12 30.36 4.29
N ASP A 53 -11.76 29.72 3.32
CA ASP A 53 -11.84 30.28 1.97
C ASP A 53 -12.62 31.60 1.93
N ALA A 54 -13.20 31.97 3.08
CA ALA A 54 -14.01 33.19 3.20
C ALA A 54 -13.20 34.45 2.91
N LEU A 55 -11.98 34.51 3.42
CA LEU A 55 -11.13 35.69 3.21
C LEU A 55 -10.37 35.52 1.88
N SER A 56 -10.27 36.61 1.12
CA SER A 56 -9.62 36.58 -0.18
C SER A 56 -8.19 36.03 -0.09
N PRO A 57 -7.88 35.04 -0.95
CA PRO A 57 -6.60 34.34 -0.93
C PRO A 57 -5.43 35.27 -1.22
N LEU A 58 -4.23 34.83 -0.88
CA LEU A 58 -3.04 35.62 -1.14
C LEU A 58 -2.22 34.97 -2.24
N ILE A 59 -1.82 35.77 -3.22
CA ILE A 59 -1.08 35.25 -4.37
C ILE A 59 0.40 35.61 -4.29
N GLU A 60 1.25 34.62 -4.49
CA GLU A 60 2.68 34.87 -4.58
C GLU A 60 3.18 34.58 -5.99
N ASN A 61 4.25 35.27 -6.40
CA ASN A 61 4.79 35.13 -7.74
C ASN A 61 6.11 34.38 -7.75
N ILE A 62 6.17 33.31 -8.54
CA ILE A 62 7.29 32.39 -8.54
C ILE A 62 7.91 32.22 -9.93
N GLU A 63 9.24 32.17 -9.98
CA GLU A 63 9.92 31.73 -11.18
C GLU A 63 9.41 30.35 -11.54
N PRO A 64 9.09 30.12 -12.82
CA PRO A 64 8.66 28.79 -13.28
C PRO A 64 9.72 27.75 -12.98
N ARG A 65 10.93 28.27 -12.77
CA ARG A 65 12.06 27.52 -12.29
C ARG A 65 11.69 26.69 -11.06
N PHE A 66 11.05 27.32 -10.08
CA PHE A 66 10.74 26.66 -8.82
C PHE A 66 9.39 25.96 -8.85
N ILE A 67 8.84 25.76 -10.03
CA ILE A 67 7.51 25.17 -10.14
C ILE A 67 7.52 23.82 -10.87
N ARG A 68 6.69 22.90 -10.38
CA ARG A 68 6.56 21.61 -11.04
C ARG A 68 5.14 21.07 -10.92
N PRO A 69 4.79 20.12 -11.78
CA PRO A 69 3.45 19.57 -11.58
C PRO A 69 3.43 18.53 -10.49
N VAL A 70 2.23 18.17 -10.06
CA VAL A 70 2.08 17.07 -9.13
C VAL A 70 2.40 15.79 -9.87
N PRO A 71 3.29 14.99 -9.30
CA PRO A 71 3.62 13.72 -9.96
C PRO A 71 2.42 12.80 -10.04
N PRO A 72 2.13 12.28 -11.23
CA PRO A 72 1.02 11.33 -11.35
C PRO A 72 1.33 10.00 -10.67
N GLU A 73 0.31 9.41 -10.06
CA GLU A 73 0.47 8.22 -9.24
C GLU A 73 1.13 7.07 -9.99
N ASN A 74 0.82 6.93 -11.27
CA ASN A 74 1.36 5.81 -12.03
C ASN A 74 2.88 5.95 -12.23
N GLU A 75 3.38 7.17 -12.08
CA GLU A 75 4.82 7.38 -12.24
C GLU A 75 5.60 6.89 -11.01
N TYR A 76 4.92 6.69 -9.90
CA TYR A 76 5.62 6.27 -8.69
C TYR A 76 4.95 5.12 -7.94
N ASN A 77 3.80 4.65 -8.43
CA ASN A 77 3.08 3.60 -7.69
C ASN A 77 3.76 2.22 -7.81
N GLY A 78 4.77 2.12 -8.68
CA GLY A 78 5.49 0.88 -8.85
C GLY A 78 6.69 0.77 -7.91
N ILE A 79 7.18 1.92 -7.44
CA ILE A 79 8.33 1.95 -6.55
C ILE A 79 7.97 1.47 -5.15
N VAL A 80 8.77 0.55 -4.64
CA VAL A 80 8.50 -0.04 -3.34
C VAL A 80 9.24 0.72 -2.23
N LEU A 81 8.56 0.90 -1.11
CA LEU A 81 9.15 1.60 0.03
C LEU A 81 10.01 0.67 0.87
N GLU A 82 11.33 0.81 0.76
CA GLU A 82 12.25 0.06 1.62
C GLU A 82 13.31 0.97 2.22
N GLU A 83 14.20 0.40 3.02
CA GLU A 83 15.28 1.16 3.61
C GLU A 83 16.17 1.74 2.51
N GLY A 84 16.39 3.05 2.56
CA GLY A 84 17.21 3.71 1.55
C GLY A 84 16.37 4.41 0.51
N THR A 85 15.06 4.20 0.59
CA THR A 85 14.13 4.82 -0.33
C THR A 85 13.87 6.31 -0.01
N VAL A 86 14.16 7.17 -0.97
CA VAL A 86 13.83 8.59 -0.82
C VAL A 86 12.33 8.81 -0.96
N VAL A 87 11.73 9.45 0.03
CA VAL A 87 10.29 9.60 0.10
C VAL A 87 9.88 11.02 0.47
N ASP A 88 8.61 11.34 0.26
CA ASP A 88 8.05 12.62 0.64
C ASP A 88 6.99 12.36 1.67
N ALA A 89 6.87 13.21 2.67
CA ALA A 89 5.88 13.03 3.69
C ALA A 89 4.84 14.10 3.57
N ASP A 90 3.59 13.73 3.77
CA ASP A 90 2.50 14.62 3.49
C ASP A 90 2.22 15.51 4.66
N HIS A 91 2.58 16.77 4.53
CA HIS A 91 2.32 17.74 5.58
C HIS A 91 1.04 18.48 5.30
N LYS A 92 0.30 17.99 4.34
CA LYS A 92 -1.00 18.53 4.00
C LYS A 92 -0.87 19.80 3.23
N ASP A 93 -0.09 20.72 3.73
CA ASP A 93 0.15 21.94 3.00
C ASP A 93 1.40 21.77 2.18
N GLY A 94 2.09 20.66 2.37
CA GLY A 94 3.36 20.48 1.69
C GLY A 94 3.91 19.10 1.78
N TRP A 95 4.95 18.81 1.02
CA TRP A 95 5.60 17.53 1.11
C TRP A 95 7.01 17.74 1.58
N TRP A 96 7.46 16.96 2.55
CA TRP A 96 8.86 17.07 2.99
C TRP A 96 9.66 15.82 2.69
N THR A 97 10.77 16.01 2.01
CA THR A 97 11.55 14.90 1.48
C THR A 97 12.66 14.42 2.40
N GLY A 98 12.70 13.10 2.60
CA GLY A 98 13.74 12.46 3.39
C GLY A 98 14.02 11.02 2.97
N VAL A 99 14.72 10.26 3.80
CA VAL A 99 15.03 8.86 3.48
C VAL A 99 14.45 7.91 4.51
N ILE A 100 13.89 6.81 4.03
CA ILE A 100 13.39 5.76 4.91
C ILE A 100 14.58 5.03 5.51
N ILE A 101 14.67 5.03 6.83
CA ILE A 101 15.77 4.34 7.49
C ILE A 101 15.30 3.12 8.26
N LYS A 102 13.99 3.01 8.51
CA LYS A 102 13.53 1.74 9.08
C LYS A 102 12.11 1.41 8.66
N LYS A 103 11.89 0.17 8.23
CA LYS A 103 10.52 -0.27 8.03
C LYS A 103 10.16 -1.20 9.17
N LEU A 104 9.16 -0.80 9.95
CA LEU A 104 8.74 -1.60 11.08
C LEU A 104 7.75 -2.68 10.61
N GLU A 105 7.66 -3.76 11.37
CA GLU A 105 6.84 -4.90 10.96
C GLU A 105 5.36 -4.57 11.09
N ASN A 106 5.04 -3.60 11.95
CA ASN A 106 3.66 -3.16 12.07
C ASN A 106 3.22 -2.33 10.86
N GLY A 107 4.16 -1.99 9.99
CA GLY A 107 3.84 -1.31 8.74
C GLY A 107 4.15 0.17 8.76
N LYS A 108 4.61 0.66 9.90
CA LYS A 108 5.01 2.04 10.05
C LYS A 108 6.40 2.21 9.44
N PHE A 109 6.85 3.47 9.31
CA PHE A 109 8.18 3.74 8.75
C PHE A 109 8.90 4.77 9.58
N TRP A 110 10.22 4.73 9.55
CA TRP A 110 11.08 5.74 10.18
C TRP A 110 11.84 6.42 9.05
N VAL A 111 11.62 7.73 8.96
CA VAL A 111 12.15 8.58 7.91
C VAL A 111 13.10 9.60 8.51
N TYR A 112 14.24 9.79 7.86
CA TYR A 112 15.25 10.71 8.34
C TYR A 112 15.29 12.02 7.54
N TYR A 113 15.48 13.11 8.27
CA TYR A 113 15.68 14.45 7.70
C TYR A 113 17.02 15.03 8.15
N ASP A 114 17.68 15.78 7.29
CA ASP A 114 19.03 16.23 7.61
C ASP A 114 19.14 17.72 8.00
N SER A 115 18.04 18.45 8.03
CA SER A 115 18.14 19.85 8.47
C SER A 115 16.81 20.43 8.97
N PRO A 116 16.64 20.47 10.30
CA PRO A 116 17.60 19.93 11.27
C PRO A 116 17.51 18.42 11.27
N PRO A 117 18.62 17.73 11.57
CA PRO A 117 18.61 16.27 11.59
C PRO A 117 17.55 15.78 12.54
N ASP A 118 16.64 14.95 12.04
CA ASP A 118 15.59 14.41 12.87
C ASP A 118 15.12 13.08 12.29
N ILE A 119 14.42 12.29 13.09
CA ILE A 119 13.82 11.05 12.63
C ILE A 119 12.36 11.06 13.05
N ILE A 120 11.48 10.70 12.11
CA ILE A 120 10.05 10.75 12.35
C ILE A 120 9.41 9.44 11.97
N GLU A 121 8.41 9.04 12.72
CA GLU A 121 7.67 7.83 12.37
C GLU A 121 6.41 8.19 11.58
N PHE A 122 6.20 7.52 10.45
CA PHE A 122 5.02 7.75 9.62
C PHE A 122 4.19 6.50 9.33
N GLU A 123 2.90 6.70 9.05
CA GLU A 123 2.07 5.64 8.47
C GLU A 123 2.32 5.56 6.96
N ARG A 124 1.94 4.45 6.35
CA ARG A 124 2.20 4.29 4.92
C ARG A 124 1.47 5.34 4.10
N ASN A 125 0.26 5.69 4.52
CA ASN A 125 -0.54 6.63 3.75
C ASN A 125 0.10 8.04 3.69
N GLN A 126 0.91 8.40 4.69
CA GLN A 126 1.55 9.72 4.69
C GLN A 126 2.75 9.82 3.77
N LEU A 127 3.14 8.73 3.13
CA LEU A 127 4.35 8.72 2.33
C LEU A 127 4.07 8.53 0.85
N ARG A 128 4.89 9.15 0.01
CA ARG A 128 4.96 8.77 -1.39
C ARG A 128 6.44 8.66 -1.74
N PRO A 129 6.77 7.85 -2.73
CA PRO A 129 8.18 7.85 -3.15
C PRO A 129 8.54 9.19 -3.78
N HIS A 130 9.75 9.67 -3.55
CA HIS A 130 10.18 10.90 -4.16
C HIS A 130 10.47 10.76 -5.64
N LEU A 131 10.19 11.83 -6.39
CA LEU A 131 10.53 11.88 -7.80
C LEU A 131 11.09 13.26 -8.12
N ARG A 132 11.92 13.33 -9.15
CA ARG A 132 12.45 14.60 -9.60
C ARG A 132 11.83 15.00 -10.95
N TRP A 133 11.47 16.27 -11.08
CA TRP A 133 10.98 16.82 -12.34
C TRP A 133 12.13 17.48 -13.10
N SER A 134 12.40 16.97 -14.30
CA SER A 134 13.52 17.45 -15.11
C SER A 134 13.15 18.74 -15.84
N GLY A 135 11.86 19.04 -15.88
CA GLY A 135 11.36 20.11 -16.73
C GLY A 135 10.74 19.46 -17.94
N TRP A 136 10.88 18.15 -18.03
CA TRP A 136 10.41 17.41 -19.19
C TRP A 136 9.76 16.09 -18.81
N LYS A 137 10.23 15.49 -17.73
CA LYS A 137 9.77 14.16 -17.35
C LYS A 137 10.15 13.79 -15.92
N TRP A 138 9.58 12.72 -15.41
CA TRP A 138 9.83 12.33 -14.03
C TRP A 138 10.96 11.32 -13.94
N LEU A 139 11.77 11.48 -12.90
CA LEU A 139 12.93 10.66 -12.67
C LEU A 139 12.88 10.05 -11.28
N ARG A 140 13.12 8.74 -11.23
CA ARG A 140 13.29 8.00 -9.98
C ARG A 140 14.68 8.23 -9.44
N PRO A 141 14.78 8.71 -8.19
CA PRO A 141 16.09 8.79 -7.54
C PRO A 141 16.63 7.41 -7.20
N ASP A 142 17.95 7.28 -7.07
CA ASP A 142 18.58 6.05 -6.60
C ASP A 142 18.16 5.67 -5.18
N ILE A 143 18.10 4.37 -4.90
CA ILE A 143 17.99 3.90 -3.53
C ILE A 143 19.26 4.29 -2.80
N GLN A 144 19.13 4.74 -1.56
CA GLN A 144 20.29 5.24 -0.83
C GLN A 144 20.94 4.21 0.11
N GLU A 145 22.26 4.07 0.00
CA GLU A 145 23.02 3.20 0.91
C GLU A 145 22.89 3.67 2.36
N LEU A 146 22.67 2.74 3.27
CA LEU A 146 22.46 3.14 4.66
C LEU A 146 23.59 2.69 5.56
N ASP A 147 23.97 3.57 6.49
CA ASP A 147 24.88 3.21 7.56
C ASP A 147 24.20 2.26 8.53
N LYS A 148 24.86 1.14 8.82
CA LYS A 148 24.38 0.26 9.88
C LYS A 148 25.46 0.10 10.93
N SER A 149 26.25 1.16 11.13
CA SER A 149 27.27 1.18 12.16
C SER A 149 26.66 0.99 13.54
N MET A 150 27.52 0.88 14.54
CA MET A 150 27.10 0.68 15.92
C MET A 150 26.17 1.79 16.38
N PHE A 151 26.48 3.02 15.96
CA PHE A 151 25.65 4.16 16.35
C PHE A 151 25.02 4.86 15.14
N SER A 152 24.61 4.06 14.16
CA SER A 152 23.89 4.55 12.98
C SER A 152 22.64 5.31 13.40
N SER A 153 22.09 6.09 12.49
CA SER A 153 20.85 6.82 12.80
C SER A 153 19.71 5.87 13.07
N GLY A 154 18.99 6.12 14.15
CA GLY A 154 17.85 5.30 14.49
C GLY A 154 18.21 4.25 15.50
N THR A 155 19.52 4.04 15.67
CA THR A 155 20.03 3.12 16.67
C THR A 155 19.71 3.62 18.07
N MET A 156 19.21 2.74 18.92
CA MET A 156 18.86 3.16 20.27
C MET A 156 20.04 2.98 21.22
N ALA A 157 20.42 4.07 21.89
CA ALA A 157 21.56 4.07 22.81
C ALA A 157 21.20 4.66 24.19
N GLU A 158 22.19 4.73 25.07
CA GLU A 158 21.98 5.32 26.38
C GLU A 158 22.92 6.51 26.59
N VAL A 159 22.38 7.55 27.23
CA VAL A 159 23.07 8.80 27.46
C VAL A 159 23.23 9.04 28.94
N SER A 160 24.47 9.31 29.36
CA SER A 160 24.75 9.55 30.76
C SER A 160 24.10 10.85 31.21
N THR A 161 23.66 10.84 32.47
CA THR A 161 23.13 12.01 33.13
C THR A 161 23.57 12.01 34.59
N ILE A 162 23.52 13.17 35.19
CA ILE A 162 23.86 13.27 36.58
C ILE A 162 22.61 13.71 37.26
N VAL A 163 22.24 13.00 38.32
CA VAL A 163 21.08 13.41 39.06
C VAL A 163 21.58 14.22 40.24
N ASP A 164 21.13 15.46 40.30
CA ASP A 164 21.50 16.29 41.41
C ASP A 164 23.01 16.35 41.46
N LYS A 165 23.60 16.16 42.63
CA LYS A 165 25.04 16.33 42.74
C LYS A 165 25.97 15.34 42.07
N ALA A 166 25.73 14.04 42.25
CA ALA A 166 26.73 13.07 41.83
C ALA A 166 26.31 11.76 41.16
N GLU A 167 25.03 11.41 41.21
CA GLU A 167 24.63 10.10 40.71
C GLU A 167 24.74 9.97 39.20
N VAL A 168 25.11 8.78 38.76
CA VAL A 168 25.28 8.54 37.35
C VAL A 168 24.07 7.73 36.96
N ALA A 169 23.24 8.30 36.10
CA ALA A 169 22.03 7.65 35.68
C ALA A 169 22.09 7.51 34.18
N TRP A 170 21.57 6.42 33.65
CA TRP A 170 21.61 6.26 32.21
C TRP A 170 20.22 6.44 31.59
N PHE A 171 20.21 7.05 30.42
CA PHE A 171 18.97 7.61 29.91
C PHE A 171 18.77 7.19 28.45
N PRO A 172 17.73 6.40 28.18
CA PRO A 172 17.50 5.88 26.84
C PRO A 172 17.22 7.00 25.84
N ALA A 173 17.83 6.93 24.66
CA ALA A 173 17.63 7.93 23.62
C ALA A 173 17.96 7.34 22.26
N MET A 174 17.31 7.85 21.21
CA MET A 174 17.64 7.41 19.86
C MET A 174 18.76 8.28 19.30
N ILE A 175 19.68 7.67 18.59
CA ILE A 175 20.69 8.43 17.91
C ILE A 175 20.18 8.91 16.56
N ILE A 176 20.17 10.23 16.41
CA ILE A 176 19.78 10.90 15.18
C ILE A 176 20.93 10.99 14.18
N LYS A 177 22.03 11.60 14.62
CA LYS A 177 23.18 11.82 13.74
C LYS A 177 24.44 11.92 14.56
N GLU A 178 25.54 11.45 13.99
CA GLU A 178 26.84 11.70 14.58
C GLU A 178 27.56 12.79 13.80
N ILE A 179 27.90 13.88 14.49
CA ILE A 179 28.64 14.96 13.87
C ILE A 179 29.98 15.18 14.51
N GLU A 180 30.83 15.91 13.81
CA GLU A 180 32.09 16.35 14.36
C GLU A 180 32.05 17.85 14.54
N VAL A 181 32.36 18.32 15.75
CA VAL A 181 32.47 19.75 16.01
C VAL A 181 33.86 20.07 16.56
N ASP A 182 34.68 20.65 15.70
CA ASP A 182 36.06 21.01 16.04
C ASP A 182 36.89 19.81 16.45
N GLY A 183 36.66 18.70 15.77
CA GLY A 183 37.46 17.51 15.99
C GLY A 183 36.93 16.66 17.12
N GLU A 184 35.84 17.10 17.74
CA GLU A 184 35.22 16.33 18.82
C GLU A 184 33.98 15.61 18.33
N LYS A 185 33.92 14.30 18.55
CA LYS A 185 32.76 13.53 18.17
C LYS A 185 31.55 13.93 19.02
N LYS A 186 30.45 14.24 18.35
CA LYS A 186 29.21 14.62 19.02
C LYS A 186 28.07 13.79 18.45
N PHE A 187 27.04 13.59 19.26
CA PHE A 187 25.84 12.89 18.82
C PHE A 187 24.60 13.75 19.00
N ILE A 188 23.81 13.87 17.94
CA ILE A 188 22.47 14.45 18.10
C ILE A 188 21.53 13.33 18.50
N VAL A 189 20.80 13.51 19.59
CA VAL A 189 20.00 12.45 20.18
C VAL A 189 18.57 12.92 20.47
N LYS A 190 17.64 11.97 20.45
CA LYS A 190 16.23 12.27 20.69
C LYS A 190 15.67 11.45 21.83
N ASP A 191 14.92 12.11 22.71
CA ASP A 191 14.21 11.40 23.76
C ASP A 191 12.88 10.90 23.19
N CYS A 192 12.77 9.60 23.01
CA CYS A 192 11.59 8.98 22.42
C CYS A 192 10.54 8.59 23.45
N ASN A 193 10.70 9.03 24.69
CA ASN A 193 9.74 8.65 25.70
C ASN A 193 8.79 9.78 26.13
N LYS A 194 9.04 11.00 25.64
CA LYS A 194 8.17 12.11 26.01
C LYS A 194 6.84 12.07 25.28
N HIS A 195 5.76 12.33 26.00
CA HIS A 195 4.48 12.54 25.36
C HIS A 195 4.35 13.99 24.90
N LEU A 196 4.25 14.18 23.60
CA LEU A 196 4.14 15.53 23.07
C LEU A 196 2.75 15.85 22.55
N SER A 197 2.30 17.08 22.76
CA SER A 197 0.98 17.51 22.31
C SER A 197 1.08 17.92 20.84
N PHE A 198 0.00 18.40 20.26
CA PHE A 198 0.08 18.83 18.88
C PHE A 198 0.79 20.16 18.77
N SER A 199 0.61 21.02 19.74
CA SER A 199 1.41 22.21 19.87
C SER A 199 2.86 21.94 20.21
N GLY A 200 3.06 20.93 21.05
CA GLY A 200 4.38 20.47 21.43
C GLY A 200 5.25 19.90 20.33
N ASP A 201 4.65 19.13 19.43
CA ASP A 201 5.42 18.52 18.35
C ASP A 201 6.41 19.47 17.69
N ARG A 204 10.34 21.91 19.87
CA ARG A 204 10.84 20.56 20.06
C ARG A 204 12.13 20.36 19.31
N THR A 205 13.21 20.20 20.04
CA THR A 205 14.51 20.09 19.43
C THR A 205 15.28 18.94 20.03
N ASN A 206 16.08 18.30 19.20
CA ASN A 206 17.02 17.31 19.63
C ASN A 206 18.24 17.95 20.27
N SER A 207 18.90 17.24 21.16
CA SER A 207 20.07 17.78 21.82
C SER A 207 21.36 17.20 21.28
N THR A 208 22.38 18.03 21.17
CA THR A 208 23.70 17.61 20.75
C THR A 208 24.53 17.33 22.01
N ILE A 209 25.17 16.18 22.03
CA ILE A 209 25.76 15.64 23.25
C ILE A 209 27.13 14.99 23.01
N ASP A 210 28.11 15.29 23.87
CA ASP A 210 29.47 14.78 23.66
C ASP A 210 29.54 13.26 23.58
N SER A 211 30.46 12.75 22.78
CA SER A 211 30.59 11.32 22.53
C SER A 211 30.82 10.52 23.81
N SER A 212 31.53 11.11 24.76
CA SER A 212 31.80 10.47 26.04
C SER A 212 30.52 10.07 26.78
N ARG A 213 29.43 10.79 26.53
CA ARG A 213 28.19 10.57 27.29
C ARG A 213 27.34 9.45 26.73
N VAL A 214 27.77 8.87 25.61
CA VAL A 214 26.94 7.90 24.91
C VAL A 214 27.52 6.50 24.90
N ARG A 215 26.67 5.51 25.20
CA ARG A 215 27.08 4.13 25.20
C ARG A 215 26.00 3.30 24.52
N PRO A 216 26.34 2.08 24.08
CA PRO A 216 25.33 1.20 23.49
C PRO A 216 24.23 0.83 24.47
N THR A 217 23.11 0.33 23.96
CA THR A 217 22.12 -0.30 24.82
C THR A 217 22.73 -1.59 25.30
N PRO A 218 22.77 -1.76 26.62
CA PRO A 218 23.31 -2.98 27.23
C PRO A 218 22.61 -4.21 26.67
N PRO A 219 23.40 -5.19 26.20
CA PRO A 219 22.81 -6.46 25.77
C PRO A 219 22.12 -7.14 26.94
N PRO A 220 21.12 -7.96 26.66
CA PRO A 220 20.32 -8.58 27.70
C PRO A 220 21.16 -9.55 28.48
N PHE A 221 21.00 -9.54 29.80
CA PHE A 221 21.57 -10.60 30.59
C PHE A 221 20.40 -11.30 31.26
N PRO A 222 20.23 -12.58 30.96
CA PRO A 222 19.30 -13.37 31.73
C PRO A 222 19.99 -13.60 33.05
N VAL A 223 19.26 -13.58 34.15
CA VAL A 223 19.87 -13.96 35.39
C VAL A 223 19.10 -15.17 35.94
N GLU A 224 17.81 -14.94 36.18
CA GLU A 224 16.88 -15.96 36.66
C GLU A 224 16.96 -16.07 38.17
N LYS A 225 17.95 -15.42 38.77
CA LYS A 225 18.02 -15.30 40.21
C LYS A 225 18.87 -14.09 40.49
N TYR A 226 18.57 -13.39 41.56
CA TYR A 226 19.39 -12.27 41.99
C TYR A 226 19.63 -12.57 43.42
N GLU A 227 20.75 -12.09 43.96
CA GLU A 227 21.04 -12.37 45.34
C GLU A 227 21.17 -11.05 46.06
N LEU A 228 20.85 -11.03 47.33
CA LEU A 228 20.72 -9.76 48.02
C LEU A 228 22.07 -9.12 47.95
N MET A 229 22.05 -7.80 47.95
CA MET A 229 23.26 -6.97 47.97
C MET A 229 23.78 -6.65 46.60
N ASP A 230 23.27 -7.33 45.57
CA ASP A 230 23.82 -7.16 44.24
C ASP A 230 23.66 -5.73 43.80
N ARG A 231 24.66 -5.23 43.10
CA ARG A 231 24.53 -3.97 42.43
C ARG A 231 23.61 -4.26 41.27
N VAL A 232 22.67 -3.36 41.02
CA VAL A 232 21.71 -3.66 39.99
C VAL A 232 21.15 -2.36 39.46
N GLU A 233 20.58 -2.39 38.26
CA GLU A 233 20.10 -1.15 37.68
C GLU A 233 18.60 -1.25 37.47
N VAL A 234 17.87 -0.31 38.02
CA VAL A 234 16.43 -0.33 37.81
C VAL A 234 15.98 0.98 37.16
N PHE A 235 15.01 0.87 36.27
CA PHE A 235 14.49 2.02 35.58
C PHE A 235 13.53 2.77 36.48
N ARG A 236 14.00 3.85 37.10
CA ARG A 236 13.15 4.64 37.98
C ARG A 236 13.08 6.08 37.47
N GLY A 237 11.96 6.74 37.75
CA GLY A 237 11.63 7.97 37.07
C GLY A 237 11.56 7.54 35.61
N SER A 238 12.31 8.23 34.76
CA SER A 238 12.52 7.80 33.38
C SER A 238 14.01 7.64 33.07
N VAL A 239 14.79 7.27 34.07
CA VAL A 239 16.19 6.95 33.84
C VAL A 239 16.62 5.67 34.59
N TRP A 240 17.61 5.00 34.05
CA TRP A 240 18.19 3.83 34.72
C TRP A 240 19.10 4.26 35.86
N ARG A 241 18.80 3.81 37.07
CA ARG A 241 19.59 4.21 38.23
C ARG A 241 20.13 3.02 39.02
N GLN A 242 21.24 3.26 39.71
CA GLN A 242 22.01 2.17 40.24
C GLN A 242 21.27 1.85 41.56
N GLY A 243 21.37 0.63 42.04
CA GLY A 243 20.73 0.30 43.30
C GLY A 243 21.25 -1.01 43.82
N LEU A 244 20.83 -1.36 45.03
CA LEU A 244 21.24 -2.61 45.65
C LEU A 244 20.00 -3.45 45.99
N VAL A 245 20.11 -4.76 45.77
CA VAL A 245 19.07 -5.70 46.11
C VAL A 245 19.00 -5.94 47.60
N ARG A 246 18.13 -5.22 48.28
CA ARG A 246 17.98 -5.38 49.73
C ARG A 246 17.25 -6.68 50.09
N GLY A 247 16.20 -7.01 49.37
CA GLY A 247 15.43 -8.18 49.73
C GLY A 247 15.05 -9.10 48.60
N VAL A 248 14.93 -10.38 48.91
CA VAL A 248 14.47 -11.36 47.95
C VAL A 248 13.10 -11.77 48.39
N LEU A 249 12.14 -11.72 47.49
CA LEU A 249 10.75 -11.73 47.89
C LEU A 249 9.94 -12.79 47.21
N ASP A 250 8.71 -12.95 47.65
CA ASP A 250 7.98 -14.12 47.30
C ASP A 250 7.88 -14.28 45.80
N HIS A 251 8.13 -15.51 45.40
CA HIS A 251 8.34 -15.89 44.03
C HIS A 251 9.36 -14.98 43.46
N ASN A 252 9.12 -14.43 42.28
CA ASN A 252 10.13 -13.59 41.69
C ASN A 252 9.83 -12.14 41.91
N CYS A 253 10.49 -11.55 42.88
CA CYS A 253 10.33 -10.15 43.18
C CYS A 253 11.54 -9.70 43.98
N TYR A 254 11.80 -8.41 44.03
CA TYR A 254 12.90 -7.91 44.82
C TYR A 254 12.63 -6.56 45.42
N MET A 255 13.18 -6.33 46.59
CA MET A 255 13.17 -5.01 47.18
C MET A 255 14.45 -4.35 46.80
N VAL A 256 14.37 -3.32 45.99
CA VAL A 256 15.57 -2.66 45.57
C VAL A 256 15.63 -1.29 46.21
N CYS A 257 16.84 -0.91 46.54
CA CYS A 257 17.14 0.43 47.00
C CYS A 257 18.32 1.04 46.26
N LEU A 258 18.09 2.26 45.82
CA LEU A 258 19.04 3.08 45.11
C LEU A 258 20.11 3.57 46.04
N VAL A 259 21.27 3.87 45.45
CA VAL A 259 22.47 4.27 46.16
C VAL A 259 22.36 5.59 46.91
N VAL A 260 21.66 6.56 46.35
CA VAL A 260 21.12 7.61 47.15
C VAL A 260 20.05 6.89 47.94
N THR A 261 19.82 7.24 49.20
CA THR A 261 18.87 6.46 49.97
C THR A 261 17.60 7.21 50.26
N ALA A 262 16.48 6.55 50.03
CA ALA A 262 15.21 7.15 50.34
C ALA A 262 14.41 6.00 50.90
N ALA A 263 13.83 5.21 50.02
CA ALA A 263 13.07 4.10 50.48
C ALA A 263 13.29 3.00 49.53
N ALA A 264 12.66 1.89 49.82
CA ALA A 264 12.81 0.75 48.97
C ALA A 264 11.45 0.31 48.53
N PRO A 265 11.27 0.20 47.22
CA PRO A 265 10.00 -0.32 46.74
C PRO A 265 10.15 -1.63 46.05
N VAL A 266 9.05 -2.31 45.88
CA VAL A 266 9.08 -3.59 45.23
C VAL A 266 9.39 -3.41 43.78
N VAL A 267 10.06 -4.38 43.20
CA VAL A 267 10.38 -4.36 41.81
C VAL A 267 10.24 -5.79 41.36
N LYS A 268 10.02 -6.01 40.08
CA LYS A 268 9.87 -7.33 39.54
C LYS A 268 11.13 -7.76 38.90
N HIS A 269 11.20 -9.01 38.52
CA HIS A 269 12.45 -9.53 38.01
C HIS A 269 12.78 -8.87 36.68
N SER A 270 11.74 -8.66 35.87
CA SER A 270 11.88 -8.13 34.53
C SER A 270 12.54 -6.78 34.56
N ASP A 271 12.20 -6.00 35.56
CA ASP A 271 12.61 -4.61 35.61
C ASP A 271 13.99 -4.42 36.18
N LEU A 272 14.65 -5.51 36.53
CA LEU A 272 16.02 -5.40 37.00
C LEU A 272 17.02 -5.68 35.89
N ARG A 273 18.16 -5.00 35.97
CA ARG A 273 19.23 -5.15 35.02
C ARG A 273 20.53 -5.43 35.78
N PRO A 274 21.33 -6.40 35.31
CA PRO A 274 22.65 -6.50 35.92
C PRO A 274 23.42 -5.20 35.71
N CYS A 275 23.81 -4.53 36.79
CA CYS A 275 24.53 -3.27 36.63
C CYS A 275 25.82 -3.48 35.84
N LYS A 276 25.91 -2.88 34.66
CA LYS A 276 27.02 -3.15 33.76
C LYS A 276 27.58 -1.83 33.32
N VAL A 277 28.80 -1.85 32.80
CA VAL A 277 29.39 -0.66 32.23
C VAL A 277 30.21 -0.88 30.98
N TRP A 278 30.28 0.16 30.16
CA TRP A 278 30.97 0.14 28.88
C TRP A 278 32.11 1.11 28.91
N GLU A 279 33.33 0.59 28.76
CA GLU A 279 34.52 1.42 28.67
C GLU A 279 35.31 1.08 27.42
N ASP A 280 35.27 -0.19 27.06
CA ASP A 280 35.80 -0.67 25.82
C ASP A 280 34.93 -1.82 25.34
N GLY A 281 34.99 -2.91 26.09
CA GLY A 281 33.99 -3.96 26.10
C GLY A 281 33.08 -3.53 27.23
N GLN A 282 32.11 -4.37 27.55
CA GLN A 282 31.16 -4.07 28.61
C GLN A 282 31.41 -4.88 29.86
N THR A 283 31.67 -4.19 30.96
CA THR A 283 31.99 -4.87 32.20
C THR A 283 31.44 -4.22 33.46
N PRO A 284 31.29 -5.00 34.53
CA PRO A 284 30.75 -4.48 35.79
C PRO A 284 31.59 -3.37 36.39
N VAL A 285 31.04 -2.71 37.40
CA VAL A 285 31.66 -1.65 38.22
C VAL A 285 30.90 -0.34 38.14
N THR B 5 0.79 -17.82 17.54
CA THR B 5 0.21 -18.95 18.25
C THR B 5 -1.28 -18.91 18.06
N ILE B 6 -1.90 -20.07 17.85
CA ILE B 6 -3.34 -20.13 17.68
C ILE B 6 -3.97 -20.91 18.80
N ARG B 7 -4.89 -20.27 19.50
CA ARG B 7 -5.58 -20.88 20.62
C ARG B 7 -7.03 -20.46 20.54
N LYS B 8 -7.88 -21.16 21.27
CA LYS B 8 -9.29 -20.91 21.13
C LYS B 8 -9.55 -19.45 21.44
N GLY B 9 -10.39 -18.84 20.64
CA GLY B 9 -10.74 -17.46 20.83
C GLY B 9 -10.00 -16.55 19.89
N SER B 10 -9.23 -17.13 19.00
CA SER B 10 -8.40 -16.32 18.11
C SER B 10 -8.98 -16.34 16.70
N GLU B 11 -8.72 -15.28 15.95
CA GLU B 11 -9.22 -15.19 14.58
C GLU B 11 -8.45 -16.17 13.71
N VAL B 12 -9.12 -16.70 12.70
CA VAL B 12 -8.56 -17.76 11.90
C VAL B 12 -9.21 -17.81 10.53
N GLU B 13 -8.51 -18.35 9.54
CA GLU B 13 -9.08 -18.54 8.21
C GLU B 13 -9.18 -20.01 7.91
N VAL B 14 -10.31 -20.43 7.34
CA VAL B 14 -10.55 -21.83 7.09
C VAL B 14 -10.91 -22.11 5.63
N SER B 15 -10.67 -23.35 5.23
CA SER B 15 -10.88 -23.78 3.86
C SER B 15 -12.09 -24.70 3.75
N SER B 16 -12.76 -24.68 2.61
CA SER B 16 -13.80 -25.66 2.32
C SER B 16 -13.34 -26.52 1.15
N THR B 17 -13.75 -27.78 1.15
CA THR B 17 -13.52 -28.65 0.00
C THR B 17 -14.76 -28.78 -0.86
N GLU B 18 -15.83 -28.09 -0.47
CA GLU B 18 -17.05 -28.05 -1.27
C GLU B 18 -16.72 -27.44 -2.62
N GLU B 19 -17.43 -27.90 -3.64
CA GLU B 19 -17.12 -27.50 -5.01
C GLU B 19 -17.35 -26.00 -5.23
N GLY B 20 -16.40 -25.38 -5.91
CA GLY B 20 -16.46 -23.97 -6.23
C GLY B 20 -15.88 -23.11 -5.13
N PHE B 21 -15.55 -23.75 -4.00
CA PHE B 21 -15.06 -22.99 -2.83
C PHE B 21 -13.54 -23.13 -2.71
N ALA B 22 -12.92 -23.63 -3.77
CA ALA B 22 -11.49 -23.95 -3.79
C ALA B 22 -10.61 -22.74 -3.45
N ASP B 23 -10.90 -21.61 -4.06
CA ASP B 23 -10.08 -20.42 -3.86
C ASP B 23 -10.55 -19.60 -2.66
N ALA B 24 -11.38 -20.18 -1.79
CA ALA B 24 -11.90 -19.44 -0.65
C ALA B 24 -11.20 -19.76 0.68
N TRP B 25 -11.07 -18.73 1.50
CA TRP B 25 -10.66 -18.83 2.90
C TRP B 25 -11.63 -18.00 3.77
N PHE B 26 -12.58 -18.64 4.44
CA PHE B 26 -13.52 -17.92 5.28
C PHE B 26 -12.91 -17.46 6.62
N ARG B 27 -13.36 -16.33 7.13
CA ARG B 27 -12.93 -15.84 8.44
C ARG B 27 -13.74 -16.51 9.56
N GLY B 28 -13.11 -16.71 10.71
CA GLY B 28 -13.77 -17.39 11.81
C GLY B 28 -13.08 -17.34 13.17
N ILE B 29 -13.80 -17.81 14.16
CA ILE B 29 -13.37 -17.84 15.54
C ILE B 29 -13.29 -19.29 15.99
N LEU B 30 -12.11 -19.66 16.49
CA LEU B 30 -11.89 -20.99 17.01
C LEU B 30 -12.49 -21.13 18.41
N GLN B 31 -13.39 -22.10 18.55
CA GLN B 31 -14.14 -22.28 19.79
C GLN B 31 -13.56 -23.39 20.66
N GLU B 32 -12.38 -23.86 20.30
CA GLU B 32 -11.76 -24.98 20.99
C GLU B 32 -10.26 -24.79 21.05
N ASN B 33 -9.61 -25.44 22.00
CA ASN B 33 -8.16 -25.38 22.09
C ASN B 33 -7.50 -26.44 21.22
N PRO B 34 -6.72 -26.00 20.23
CA PRO B 34 -6.03 -26.95 19.36
C PRO B 34 -4.86 -27.59 20.07
N THR B 35 -4.91 -28.92 20.18
CA THR B 35 -3.74 -29.68 20.57
C THR B 35 -2.67 -29.45 19.51
N LYS B 36 -1.40 -29.49 19.91
CA LYS B 36 -0.28 -29.26 18.98
C LYS B 36 -0.49 -30.00 17.66
N SER B 37 -0.61 -31.33 17.71
CA SER B 37 -0.64 -32.09 16.46
C SER B 37 -1.97 -32.78 16.15
N GLY B 38 -2.96 -32.67 17.03
CA GLY B 38 -4.25 -33.31 16.83
C GLY B 38 -4.87 -33.11 15.45
N ARG B 39 -5.45 -34.18 14.91
CA ARG B 39 -6.08 -34.15 13.60
C ARG B 39 -7.60 -34.33 13.71
N LYS B 40 -8.14 -34.06 14.89
CA LYS B 40 -9.57 -34.27 15.14
C LYS B 40 -10.40 -32.99 15.01
N LYS B 41 -11.70 -33.17 14.74
CA LYS B 41 -12.74 -32.12 14.75
C LYS B 41 -12.44 -30.91 15.63
N LEU B 42 -12.41 -29.73 15.03
CA LEU B 42 -12.35 -28.49 15.80
C LEU B 42 -13.58 -27.63 15.53
N ARG B 43 -14.17 -27.12 16.61
CA ARG B 43 -15.30 -26.21 16.57
C ARG B 43 -14.90 -24.83 16.12
N VAL B 44 -15.58 -24.33 15.09
CA VAL B 44 -15.30 -22.99 14.56
C VAL B 44 -16.57 -22.24 14.21
N ARG B 45 -16.70 -20.99 14.66
CA ARG B 45 -17.82 -20.17 14.21
C ARG B 45 -17.32 -19.27 13.07
N TYR B 46 -18.05 -19.20 11.96
CA TYR B 46 -17.66 -18.26 10.91
C TYR B 46 -18.21 -16.88 11.22
N LEU B 47 -17.41 -15.86 10.96
CA LEU B 47 -17.85 -14.48 11.05
C LEU B 47 -18.65 -14.15 9.81
N THR B 48 -19.95 -14.40 9.86
CA THR B 48 -20.78 -14.21 8.70
C THR B 48 -21.44 -12.86 8.67
N LEU B 49 -21.80 -12.40 7.49
CA LEU B 49 -22.49 -11.15 7.35
C LEU B 49 -23.95 -11.28 7.74
N LEU B 50 -24.59 -10.15 7.95
CA LEU B 50 -25.98 -10.15 8.27
C LEU B 50 -26.22 -10.98 9.49
N ASN B 51 -25.34 -10.85 10.46
CA ASN B 51 -25.48 -11.64 11.66
C ASN B 51 -25.93 -10.83 12.84
N ASP B 52 -27.00 -11.30 13.47
CA ASP B 52 -27.46 -10.73 14.71
C ASP B 52 -26.98 -11.75 15.71
N ASP B 53 -26.14 -11.34 16.65
CA ASP B 53 -25.49 -12.33 17.47
C ASP B 53 -26.55 -13.11 18.23
N ALA B 54 -26.41 -14.42 18.22
CA ALA B 54 -27.33 -15.31 18.94
C ALA B 54 -27.14 -16.77 18.51
N ILE B 59 -21.59 -22.84 13.32
CA ILE B 59 -20.40 -23.54 13.77
C ILE B 59 -20.16 -24.67 12.78
N GLU B 60 -18.90 -25.02 12.59
CA GLU B 60 -18.55 -26.14 11.75
C GLU B 60 -17.37 -26.86 12.41
N ASN B 61 -17.33 -28.16 12.20
CA ASN B 61 -16.24 -28.97 12.71
C ASN B 61 -15.27 -29.20 11.56
N ILE B 62 -14.06 -28.68 11.68
CA ILE B 62 -13.14 -28.79 10.55
C ILE B 62 -11.79 -29.41 10.92
N GLU B 63 -11.16 -30.02 9.91
CA GLU B 63 -9.86 -30.63 10.08
C GLU B 63 -8.83 -29.52 10.18
N PRO B 64 -7.91 -29.64 11.15
CA PRO B 64 -6.86 -28.66 11.43
C PRO B 64 -5.99 -28.36 10.22
N ARG B 65 -5.96 -29.25 9.23
CA ARG B 65 -5.25 -28.98 7.99
C ARG B 65 -5.96 -27.95 7.14
N PHE B 66 -7.25 -27.74 7.39
CA PHE B 66 -8.03 -26.76 6.61
C PHE B 66 -8.05 -25.42 7.34
N ILE B 67 -7.47 -25.42 8.54
CA ILE B 67 -7.39 -24.23 9.36
C ILE B 67 -6.03 -23.56 9.19
N ARG B 68 -5.99 -22.23 9.24
CA ARG B 68 -4.75 -21.49 9.04
C ARG B 68 -4.85 -20.11 9.70
N PRO B 69 -3.74 -19.65 10.27
CA PRO B 69 -3.75 -18.34 10.94
C PRO B 69 -4.05 -17.19 9.97
N VAL B 70 -4.46 -16.04 10.49
CA VAL B 70 -4.57 -14.86 9.64
C VAL B 70 -3.17 -14.42 9.29
N PRO B 71 -2.89 -14.27 7.99
CA PRO B 71 -1.61 -13.71 7.53
C PRO B 71 -1.39 -12.30 8.05
N PRO B 72 -0.40 -12.09 8.95
CA PRO B 72 -0.06 -10.74 9.43
C PRO B 72 0.54 -9.90 8.30
N GLU B 73 0.66 -8.61 8.49
CA GLU B 73 0.96 -7.67 7.40
C GLU B 73 2.38 -7.78 6.84
N ASN B 74 3.34 -8.07 7.71
CA ASN B 74 4.76 -8.00 7.37
C ASN B 74 5.31 -8.99 6.31
N GLU B 75 4.68 -10.15 6.11
CA GLU B 75 5.24 -11.07 5.12
C GLU B 75 4.76 -10.72 3.71
N TYR B 76 3.56 -10.14 3.60
CA TYR B 76 3.10 -9.82 2.26
C TYR B 76 3.25 -8.35 1.98
N ASN B 77 3.78 -7.64 2.97
CA ASN B 77 4.05 -6.21 2.89
C ASN B 77 4.96 -5.82 1.72
N GLY B 78 6.08 -6.52 1.58
CA GLY B 78 7.09 -6.17 0.59
C GLY B 78 6.77 -6.53 -0.85
N ILE B 79 5.69 -7.27 -1.06
CA ILE B 79 5.34 -7.68 -2.42
C ILE B 79 4.52 -6.60 -3.13
N VAL B 80 4.96 -6.22 -4.33
CA VAL B 80 4.23 -5.24 -5.11
C VAL B 80 3.19 -5.92 -6.00
N LEU B 81 1.99 -5.37 -6.03
CA LEU B 81 0.94 -5.95 -6.85
C LEU B 81 1.14 -5.57 -8.31
N GLU B 82 1.30 -6.58 -9.16
CA GLU B 82 1.35 -6.36 -10.60
C GLU B 82 0.70 -7.53 -11.33
N GLU B 83 0.84 -7.56 -12.65
CA GLU B 83 0.23 -8.63 -13.43
C GLU B 83 0.87 -9.96 -13.07
N GLY B 84 0.05 -10.99 -12.87
CA GLY B 84 0.58 -12.31 -12.59
C GLY B 84 0.73 -12.56 -11.10
N THR B 85 0.56 -11.51 -10.31
CA THR B 85 0.55 -11.66 -8.87
C THR B 85 -0.70 -12.42 -8.43
N VAL B 86 -0.54 -13.30 -7.47
CA VAL B 86 -1.68 -14.01 -6.91
C VAL B 86 -2.17 -13.27 -5.69
N VAL B 87 -3.47 -13.01 -5.64
CA VAL B 87 -4.05 -12.14 -4.62
C VAL B 87 -5.30 -12.77 -4.03
N ASP B 88 -5.69 -12.28 -2.85
CA ASP B 88 -6.97 -12.59 -2.24
C ASP B 88 -7.78 -11.31 -2.12
N ALA B 89 -9.07 -11.39 -2.42
CA ALA B 89 -9.93 -10.25 -2.36
C ALA B 89 -10.83 -10.35 -1.16
N ASP B 90 -11.06 -9.24 -0.49
CA ASP B 90 -11.76 -9.25 0.77
C ASP B 90 -13.26 -9.16 0.59
N HIS B 91 -13.94 -10.27 0.88
CA HIS B 91 -15.38 -10.35 0.81
C HIS B 91 -15.99 -10.11 2.15
N LYS B 92 -15.16 -9.88 3.14
CA LYS B 92 -15.55 -9.37 4.43
C LYS B 92 -15.99 -10.52 5.28
N ASP B 93 -16.41 -11.60 4.65
CA ASP B 93 -16.72 -12.80 5.40
C ASP B 93 -15.75 -13.91 5.06
N GLY B 94 -14.79 -13.60 4.21
CA GLY B 94 -13.84 -14.56 3.80
C GLY B 94 -12.99 -13.90 2.76
N TRP B 95 -12.11 -14.65 2.15
CA TRP B 95 -11.26 -14.13 1.11
C TRP B 95 -11.37 -15.03 -0.09
N TRP B 96 -11.33 -14.46 -1.28
CA TRP B 96 -11.41 -15.30 -2.47
C TRP B 96 -10.18 -15.07 -3.33
N THR B 97 -9.53 -16.16 -3.72
CA THR B 97 -8.20 -16.07 -4.31
C THR B 97 -8.24 -16.13 -5.83
N GLY B 98 -7.47 -15.25 -6.45
CA GLY B 98 -7.43 -15.09 -7.89
C GLY B 98 -6.08 -14.54 -8.34
N VAL B 99 -5.97 -14.22 -9.63
CA VAL B 99 -4.73 -13.67 -10.17
C VAL B 99 -4.93 -12.29 -10.78
N ILE B 100 -4.09 -11.34 -10.39
CA ILE B 100 -4.10 -10.03 -11.03
C ILE B 100 -3.76 -10.17 -12.50
N ILE B 101 -4.68 -9.76 -13.36
CA ILE B 101 -4.44 -9.81 -14.80
C ILE B 101 -4.28 -8.44 -15.39
N LYS B 102 -4.61 -7.39 -14.66
CA LYS B 102 -4.28 -6.05 -15.12
C LYS B 102 -4.15 -5.05 -14.01
N LYS B 103 -3.32 -4.04 -14.21
CA LYS B 103 -3.27 -2.91 -13.29
C LYS B 103 -3.58 -1.67 -14.06
N LEU B 104 -4.54 -0.90 -13.57
CA LEU B 104 -4.95 0.32 -14.25
C LEU B 104 -4.09 1.52 -13.93
N GLU B 105 -4.05 2.47 -14.84
CA GLU B 105 -3.28 3.67 -14.62
C GLU B 105 -3.87 4.44 -13.46
N ASN B 106 -5.10 4.11 -13.11
CA ASN B 106 -5.81 4.79 -12.05
C ASN B 106 -5.78 4.20 -10.65
N GLY B 107 -5.09 3.08 -10.43
CA GLY B 107 -4.95 2.56 -9.08
C GLY B 107 -5.65 1.23 -8.82
N LYS B 108 -6.63 0.94 -9.66
CA LYS B 108 -7.44 -0.26 -9.50
C LYS B 108 -6.94 -1.45 -10.34
N PHE B 109 -7.44 -2.64 -10.01
CA PHE B 109 -6.91 -3.89 -10.57
C PHE B 109 -7.98 -4.80 -11.16
N TRP B 110 -7.62 -5.54 -12.21
CA TRP B 110 -8.45 -6.62 -12.70
C TRP B 110 -7.89 -7.97 -12.27
N VAL B 111 -8.74 -8.70 -11.56
CA VAL B 111 -8.45 -9.99 -10.99
C VAL B 111 -9.27 -11.09 -11.66
N TYR B 112 -8.62 -12.19 -12.03
CA TYR B 112 -9.30 -13.31 -12.63
C TYR B 112 -9.60 -14.43 -11.62
N TYR B 113 -10.79 -15.01 -11.76
CA TYR B 113 -11.17 -16.19 -11.02
C TYR B 113 -11.51 -17.28 -12.03
N ASP B 114 -11.29 -18.53 -11.65
CA ASP B 114 -11.48 -19.62 -12.59
C ASP B 114 -12.70 -20.49 -12.29
N SER B 115 -13.34 -20.29 -11.14
CA SER B 115 -14.45 -21.17 -10.77
C SER B 115 -15.61 -20.45 -10.08
N PRO B 116 -16.59 -19.96 -10.86
CA PRO B 116 -16.62 -20.00 -12.32
C PRO B 116 -15.72 -18.92 -12.89
N PRO B 117 -15.27 -19.11 -14.13
CA PRO B 117 -14.38 -18.10 -14.71
C PRO B 117 -15.07 -16.74 -14.79
N ASP B 118 -14.32 -15.73 -14.36
CA ASP B 118 -14.84 -14.39 -14.25
C ASP B 118 -13.68 -13.42 -14.07
N ILE B 119 -13.94 -12.14 -14.37
CA ILE B 119 -12.97 -11.06 -14.18
C ILE B 119 -13.63 -9.95 -13.41
N ILE B 120 -12.91 -9.43 -12.41
CA ILE B 120 -13.48 -8.46 -11.48
C ILE B 120 -12.54 -7.30 -11.20
N GLU B 121 -13.10 -6.09 -11.13
CA GLU B 121 -12.34 -4.89 -10.80
C GLU B 121 -12.31 -4.68 -9.28
N PHE B 122 -11.15 -4.29 -8.77
CA PHE B 122 -10.95 -4.11 -7.34
C PHE B 122 -10.15 -2.84 -7.01
N GLU B 123 -10.47 -2.23 -5.88
CA GLU B 123 -9.62 -1.21 -5.29
C GLU B 123 -8.45 -1.92 -4.61
N ARG B 124 -7.31 -1.24 -4.49
CA ARG B 124 -6.14 -1.82 -3.84
C ARG B 124 -6.48 -2.25 -2.41
N ASN B 125 -7.14 -1.36 -1.68
CA ASN B 125 -7.72 -1.64 -0.36
C ASN B 125 -8.30 -3.05 -0.19
N GLN B 126 -8.90 -3.56 -1.26
CA GLN B 126 -9.65 -4.80 -1.19
C GLN B 126 -8.78 -6.03 -1.41
N LEU B 127 -7.52 -5.79 -1.76
CA LEU B 127 -6.63 -6.88 -2.13
C LEU B 127 -5.49 -7.05 -1.16
N ARG B 128 -5.19 -8.31 -0.83
CA ARG B 128 -3.92 -8.64 -0.19
C ARG B 128 -3.20 -9.66 -1.06
N PRO B 129 -1.86 -9.60 -1.10
CA PRO B 129 -1.19 -10.65 -1.88
C PRO B 129 -1.35 -12.00 -1.19
N HIS B 130 -1.56 -13.05 -1.97
CA HIS B 130 -1.78 -14.38 -1.45
C HIS B 130 -0.50 -14.99 -0.91
N LEU B 131 -0.59 -15.66 0.24
CA LEU B 131 0.49 -16.48 0.79
C LEU B 131 -0.04 -17.88 1.08
N ARG B 132 0.85 -18.87 1.17
CA ARG B 132 0.41 -20.21 1.55
C ARG B 132 0.95 -20.57 2.94
N TRP B 133 0.14 -21.28 3.70
CA TRP B 133 0.50 -21.74 5.03
C TRP B 133 1.13 -23.13 5.00
N SER B 134 2.38 -23.22 5.45
CA SER B 134 3.11 -24.49 5.49
C SER B 134 2.50 -25.44 6.50
N GLY B 135 2.08 -24.86 7.62
CA GLY B 135 1.80 -25.60 8.84
C GLY B 135 2.69 -24.99 9.90
N TRP B 136 3.78 -24.36 9.47
CA TRP B 136 4.72 -23.73 10.38
C TRP B 136 5.27 -22.39 9.86
N LYS B 137 4.89 -22.00 8.64
CA LYS B 137 5.45 -20.79 8.02
C LYS B 137 4.67 -20.33 6.77
N TRP B 138 4.85 -19.06 6.41
CA TRP B 138 4.24 -18.47 5.22
C TRP B 138 5.18 -18.49 4.04
N LEU B 139 4.63 -18.79 2.86
CA LEU B 139 5.42 -18.81 1.63
C LEU B 139 4.76 -18.02 0.50
N ARG B 140 5.56 -17.18 -0.16
CA ARG B 140 5.13 -16.44 -1.34
C ARG B 140 4.97 -17.38 -2.51
N PRO B 141 3.89 -17.23 -3.29
CA PRO B 141 3.79 -18.00 -4.53
C PRO B 141 4.57 -17.29 -5.64
N ASP B 142 4.89 -18.01 -6.70
CA ASP B 142 5.57 -17.39 -7.82
C ASP B 142 4.62 -16.49 -8.58
N ILE B 143 5.16 -15.48 -9.23
CA ILE B 143 4.41 -14.66 -10.13
C ILE B 143 4.02 -15.55 -11.29
N GLN B 144 2.78 -15.42 -11.74
CA GLN B 144 2.27 -16.29 -12.78
C GLN B 144 2.60 -15.93 -14.21
N GLU B 145 2.56 -16.92 -15.08
CA GLU B 145 2.69 -16.70 -16.50
C GLU B 145 1.43 -16.03 -17.01
N LEU B 146 1.57 -15.09 -17.93
CA LEU B 146 0.42 -14.36 -18.41
C LEU B 146 0.26 -14.53 -19.91
N ASP B 147 -0.93 -14.96 -20.30
CA ASP B 147 -1.27 -15.08 -21.71
C ASP B 147 -1.49 -13.71 -22.30
N LYS B 148 -0.90 -13.46 -23.47
CA LYS B 148 -1.12 -12.22 -24.19
C LYS B 148 -1.76 -12.49 -25.53
N SER B 149 -2.32 -13.66 -25.68
CA SER B 149 -2.76 -14.10 -26.98
C SER B 149 -3.88 -13.21 -27.48
N MET B 150 -4.02 -13.20 -28.79
CA MET B 150 -5.05 -12.40 -29.44
C MET B 150 -6.31 -12.32 -28.60
N PHE B 151 -6.75 -13.46 -28.07
CA PHE B 151 -7.99 -13.50 -27.31
C PHE B 151 -7.77 -13.79 -25.83
N SER B 152 -6.65 -13.30 -25.28
CA SER B 152 -6.34 -13.55 -23.88
C SER B 152 -7.42 -12.98 -22.95
N SER B 153 -7.38 -13.38 -21.68
CA SER B 153 -8.38 -12.92 -20.72
C SER B 153 -8.28 -11.45 -20.47
N GLY B 154 -9.43 -10.79 -20.35
CA GLY B 154 -9.44 -9.34 -20.23
C GLY B 154 -9.39 -8.64 -21.57
N THR B 155 -8.95 -9.32 -22.61
CA THR B 155 -8.96 -8.74 -23.95
C THR B 155 -10.39 -8.48 -24.37
N MET B 156 -10.63 -7.31 -24.96
CA MET B 156 -11.99 -7.00 -25.36
C MET B 156 -12.25 -7.32 -26.83
N ALA B 157 -13.44 -7.80 -27.11
CA ALA B 157 -13.78 -8.31 -28.43
C ALA B 157 -15.17 -7.90 -28.84
N GLU B 158 -15.61 -8.40 -29.98
CA GLU B 158 -16.97 -8.20 -30.42
C GLU B 158 -17.64 -9.54 -30.65
N VAL B 159 -18.92 -9.62 -30.29
CA VAL B 159 -19.69 -10.82 -30.50
C VAL B 159 -20.82 -10.55 -31.47
N SER B 160 -20.78 -11.27 -32.59
CA SER B 160 -21.87 -11.29 -33.56
C SER B 160 -23.16 -11.73 -32.90
N THR B 161 -24.16 -10.86 -32.94
CA THR B 161 -25.48 -11.21 -32.45
C THR B 161 -26.45 -10.76 -33.50
N ILE B 162 -27.60 -11.41 -33.66
CA ILE B 162 -28.49 -11.06 -34.75
C ILE B 162 -29.70 -10.33 -34.26
N VAL B 163 -30.09 -9.29 -34.98
CA VAL B 163 -31.31 -8.58 -34.66
C VAL B 163 -32.26 -8.62 -35.83
N ASP B 164 -33.51 -8.98 -35.56
CA ASP B 164 -34.52 -8.98 -36.59
C ASP B 164 -34.27 -10.09 -37.57
N LYS B 165 -33.34 -10.96 -37.22
CA LYS B 165 -33.11 -12.17 -37.97
C LYS B 165 -32.36 -11.86 -39.24
N ALA B 166 -32.06 -10.59 -39.46
CA ALA B 166 -31.29 -10.20 -40.61
C ALA B 166 -30.12 -9.37 -40.19
N GLU B 167 -30.39 -8.34 -39.40
CA GLU B 167 -29.33 -7.42 -39.05
C GLU B 167 -28.34 -8.23 -38.26
N VAL B 168 -27.08 -8.10 -38.63
CA VAL B 168 -26.04 -8.71 -37.88
C VAL B 168 -25.40 -7.55 -37.17
N ALA B 169 -25.47 -7.58 -35.86
CA ALA B 169 -24.93 -6.51 -35.02
C ALA B 169 -23.73 -7.00 -34.21
N TRP B 170 -22.87 -6.07 -33.81
CA TRP B 170 -21.66 -6.41 -33.08
C TRP B 170 -21.71 -5.88 -31.65
N PHE B 171 -21.67 -6.83 -30.73
CA PHE B 171 -21.88 -6.62 -29.31
C PHE B 171 -20.52 -6.64 -28.58
N PRO B 172 -20.05 -5.47 -28.11
CA PRO B 172 -18.77 -5.44 -27.39
C PRO B 172 -18.78 -6.32 -26.15
N ALA B 173 -17.75 -7.12 -25.93
CA ALA B 173 -17.73 -8.01 -24.77
C ALA B 173 -16.32 -8.36 -24.31
N MET B 174 -16.13 -8.53 -23.01
CA MET B 174 -14.82 -8.94 -22.53
C MET B 174 -14.66 -10.45 -22.55
N ILE B 175 -13.51 -10.90 -23.02
CA ILE B 175 -13.20 -12.31 -22.98
C ILE B 175 -12.75 -12.73 -21.58
N ILE B 176 -13.49 -13.68 -21.02
CA ILE B 176 -13.20 -14.25 -19.73
C ILE B 176 -12.26 -15.45 -19.88
N LYS B 177 -12.71 -16.46 -20.63
CA LYS B 177 -11.87 -17.61 -20.90
C LYS B 177 -12.23 -18.30 -22.22
N GLU B 178 -11.20 -18.84 -22.87
CA GLU B 178 -11.40 -19.69 -24.02
C GLU B 178 -11.44 -21.15 -23.57
N ILE B 179 -12.39 -21.89 -24.11
CA ILE B 179 -12.57 -23.30 -23.73
C ILE B 179 -12.93 -24.11 -24.96
N GLU B 180 -12.67 -25.41 -24.91
CA GLU B 180 -13.04 -26.28 -26.00
C GLU B 180 -14.07 -27.27 -25.48
N VAL B 181 -15.20 -27.34 -26.18
CA VAL B 181 -16.28 -28.25 -25.82
C VAL B 181 -16.54 -29.16 -26.99
N ASP B 182 -16.40 -30.46 -26.78
CA ASP B 182 -16.60 -31.42 -27.84
C ASP B 182 -15.76 -31.13 -29.09
N GLY B 183 -14.59 -30.53 -28.90
CA GLY B 183 -13.68 -30.27 -29.99
C GLY B 183 -13.88 -28.90 -30.62
N GLU B 184 -14.87 -28.17 -30.14
CA GLU B 184 -15.16 -26.86 -30.70
C GLU B 184 -14.79 -25.73 -29.74
N LYS B 185 -14.05 -24.76 -30.24
CA LYS B 185 -13.69 -23.61 -29.43
C LYS B 185 -14.92 -22.82 -29.02
N LYS B 186 -14.91 -22.33 -27.80
CA LYS B 186 -15.99 -21.54 -27.24
C LYS B 186 -15.41 -20.49 -26.33
N PHE B 187 -16.03 -19.33 -26.27
CA PHE B 187 -15.54 -18.28 -25.40
C PHE B 187 -16.57 -17.99 -24.32
N ILE B 188 -16.07 -17.79 -23.11
CA ILE B 188 -16.90 -17.21 -22.06
C ILE B 188 -16.72 -15.70 -22.13
N VAL B 189 -17.81 -14.95 -22.24
CA VAL B 189 -17.71 -13.50 -22.37
C VAL B 189 -18.64 -12.77 -21.41
N LYS B 190 -18.22 -11.56 -21.06
CA LYS B 190 -18.96 -10.72 -20.13
C LYS B 190 -19.33 -9.39 -20.74
N ASP B 191 -20.61 -9.04 -20.61
CA ASP B 191 -21.10 -7.72 -20.97
C ASP B 191 -20.66 -6.71 -19.92
N CYS B 192 -19.81 -5.76 -20.31
CA CYS B 192 -19.29 -4.80 -19.35
C CYS B 192 -20.01 -3.45 -19.38
N ASN B 193 -21.18 -3.39 -20.00
CA ASN B 193 -21.90 -2.13 -20.06
C ASN B 193 -23.15 -2.11 -19.20
N LYS B 194 -23.37 -3.18 -18.46
CA LYS B 194 -24.58 -3.34 -17.66
C LYS B 194 -24.44 -2.69 -16.29
N HIS B 195 -25.47 -2.04 -15.82
CA HIS B 195 -25.38 -1.53 -14.47
C HIS B 195 -26.08 -2.50 -13.59
N LEU B 196 -25.50 -2.81 -12.45
CA LEU B 196 -26.14 -3.76 -11.58
C LEU B 196 -26.24 -3.20 -10.21
N SER B 197 -27.22 -3.65 -9.47
CA SER B 197 -27.34 -3.27 -8.09
C SER B 197 -26.51 -4.22 -7.32
N PHE B 198 -26.52 -4.06 -6.02
CA PHE B 198 -25.89 -4.99 -5.16
C PHE B 198 -26.56 -6.34 -5.24
N SER B 199 -27.88 -6.35 -5.25
CA SER B 199 -28.61 -7.57 -5.46
C SER B 199 -28.35 -8.09 -6.85
N GLY B 200 -28.27 -7.18 -7.81
CA GLY B 200 -28.05 -7.49 -9.20
C GLY B 200 -26.74 -8.13 -9.55
N ASP B 201 -25.67 -7.69 -8.90
CA ASP B 201 -24.35 -8.23 -9.13
C ASP B 201 -24.41 -9.74 -9.14
N ARG B 204 -26.12 -12.80 -11.71
CA ARG B 204 -25.57 -12.39 -12.99
C ARG B 204 -24.50 -13.35 -13.44
N THR B 205 -24.51 -13.67 -14.71
CA THR B 205 -23.68 -14.74 -15.22
C THR B 205 -23.05 -14.36 -16.54
N ASN B 206 -21.98 -15.05 -16.90
CA ASN B 206 -21.30 -14.81 -18.15
C ASN B 206 -21.68 -15.84 -19.18
N SER B 207 -22.01 -15.38 -20.38
CA SER B 207 -22.46 -16.27 -21.40
C SER B 207 -21.33 -17.01 -22.05
N THR B 208 -21.64 -18.18 -22.56
CA THR B 208 -20.72 -18.96 -23.37
C THR B 208 -21.20 -18.99 -24.82
N ILE B 209 -20.32 -18.58 -25.72
CA ILE B 209 -20.68 -18.43 -27.11
C ILE B 209 -19.71 -19.14 -28.05
N ASP B 210 -20.21 -19.51 -29.23
CA ASP B 210 -19.39 -20.23 -30.19
C ASP B 210 -18.28 -19.34 -30.72
N SER B 211 -17.15 -19.97 -31.02
CA SER B 211 -15.99 -19.29 -31.53
C SER B 211 -16.31 -18.49 -32.79
N SER B 212 -17.20 -19.06 -33.60
CA SER B 212 -17.61 -18.46 -34.86
C SER B 212 -18.21 -17.05 -34.72
N ARG B 213 -18.81 -16.76 -33.57
CA ARG B 213 -19.50 -15.49 -33.36
C ARG B 213 -18.60 -14.41 -32.77
N VAL B 214 -17.32 -14.70 -32.63
CA VAL B 214 -16.43 -13.80 -31.88
C VAL B 214 -15.28 -13.27 -32.72
N ARG B 215 -15.09 -11.96 -32.72
CA ARG B 215 -13.98 -11.39 -33.44
C ARG B 215 -13.24 -10.40 -32.56
N PRO B 216 -12.00 -10.07 -32.92
CA PRO B 216 -11.34 -9.04 -32.12
C PRO B 216 -11.93 -7.68 -32.41
N THR B 217 -11.67 -6.73 -31.52
CA THR B 217 -12.08 -5.37 -31.77
C THR B 217 -11.39 -4.89 -33.04
N PRO B 218 -12.20 -4.47 -34.03
CA PRO B 218 -11.69 -3.96 -35.29
C PRO B 218 -10.80 -2.77 -35.04
N PRO B 219 -9.62 -2.73 -35.69
CA PRO B 219 -8.70 -1.60 -35.51
C PRO B 219 -9.28 -0.33 -36.11
N PRO B 220 -8.75 0.84 -35.70
CA PRO B 220 -9.32 2.13 -36.12
C PRO B 220 -8.86 2.53 -37.51
N PHE B 221 -9.32 1.83 -38.54
CA PHE B 221 -9.08 2.22 -39.91
C PHE B 221 -9.58 3.64 -40.15
N PRO B 222 -8.72 4.50 -40.69
CA PRO B 222 -9.18 5.87 -40.90
C PRO B 222 -9.91 6.06 -42.24
N VAL B 223 -11.11 6.62 -42.18
CA VAL B 223 -11.77 7.15 -43.37
C VAL B 223 -12.14 8.60 -43.07
N GLU B 224 -11.61 9.50 -43.88
CA GLU B 224 -11.66 10.93 -43.56
C GLU B 224 -13.07 11.53 -43.62
N LYS B 225 -13.81 11.20 -44.68
CA LYS B 225 -15.17 11.69 -44.85
C LYS B 225 -16.05 10.58 -45.41
N TYR B 226 -17.28 10.51 -44.92
CA TYR B 226 -18.26 9.58 -45.48
C TYR B 226 -19.08 10.26 -46.56
N GLU B 227 -19.69 9.48 -47.43
CA GLU B 227 -20.49 10.05 -48.50
C GLU B 227 -21.91 9.52 -48.42
N LEU B 228 -22.86 10.26 -48.99
CA LEU B 228 -24.26 9.86 -48.92
C LEU B 228 -24.47 8.47 -49.46
N MET B 229 -25.38 7.74 -48.81
CA MET B 229 -25.73 6.37 -49.19
C MET B 229 -24.62 5.37 -48.89
N ASP B 230 -23.49 5.82 -48.33
CA ASP B 230 -22.47 4.89 -47.85
C ASP B 230 -23.08 4.02 -46.77
N ARG B 231 -22.82 2.73 -46.81
CA ARG B 231 -23.21 1.90 -45.69
C ARG B 231 -22.10 1.94 -44.64
N VAL B 232 -22.53 2.05 -43.40
CA VAL B 232 -21.67 2.47 -42.32
C VAL B 232 -22.11 1.69 -41.07
N GLU B 233 -21.35 1.80 -39.99
CA GLU B 233 -21.72 1.20 -38.71
C GLU B 233 -21.77 2.27 -37.61
N VAL B 234 -22.84 2.27 -36.83
CA VAL B 234 -23.04 3.27 -35.77
C VAL B 234 -23.46 2.53 -34.49
N PHE B 235 -23.26 3.12 -33.33
CA PHE B 235 -23.58 2.37 -32.15
C PHE B 235 -24.88 2.83 -31.56
N ARG B 236 -25.84 1.92 -31.50
CA ARG B 236 -27.11 2.25 -30.93
C ARG B 236 -27.46 1.27 -29.85
N GLY B 237 -27.72 1.82 -28.67
CA GLY B 237 -27.94 1.00 -27.50
C GLY B 237 -26.74 0.16 -27.22
N SER B 238 -26.99 -1.12 -27.01
CA SER B 238 -25.96 -2.09 -26.71
C SER B 238 -24.95 -2.39 -27.81
N VAL B 239 -25.38 -2.37 -29.06
CA VAL B 239 -24.58 -2.92 -30.13
C VAL B 239 -24.20 -1.97 -31.25
N TRP B 240 -23.18 -2.34 -32.01
CA TRP B 240 -22.86 -1.65 -33.24
C TRP B 240 -23.74 -2.22 -34.32
N ARG B 241 -24.48 -1.36 -34.98
CA ARG B 241 -25.46 -1.76 -35.97
C ARG B 241 -25.12 -1.17 -37.32
N GLN B 242 -25.61 -1.83 -38.37
CA GLN B 242 -25.45 -1.35 -39.73
C GLN B 242 -26.44 -0.23 -40.06
N GLY B 243 -26.00 0.76 -40.83
CA GLY B 243 -26.85 1.88 -41.18
C GLY B 243 -26.36 2.54 -42.45
N LEU B 244 -27.10 3.48 -43.01
CA LEU B 244 -26.53 4.24 -44.11
C LEU B 244 -26.66 5.73 -43.88
N VAL B 245 -25.78 6.44 -44.58
CA VAL B 245 -25.71 7.89 -44.50
C VAL B 245 -26.80 8.54 -45.33
N ARG B 246 -27.83 9.02 -44.63
CA ARG B 246 -28.95 9.73 -45.22
C ARG B 246 -28.65 11.23 -45.29
N GLY B 247 -27.52 11.66 -44.73
CA GLY B 247 -27.16 13.07 -44.71
C GLY B 247 -25.73 13.41 -44.34
N VAL B 248 -25.11 14.33 -45.07
CA VAL B 248 -23.77 14.81 -44.73
C VAL B 248 -23.80 16.29 -44.29
N LEU B 249 -23.28 16.56 -43.10
CA LEU B 249 -23.36 17.89 -42.49
C LEU B 249 -21.99 18.51 -42.17
N ASP B 250 -21.98 19.81 -41.89
CA ASP B 250 -20.72 20.46 -41.53
C ASP B 250 -20.33 20.06 -40.10
N HIS B 251 -19.14 20.46 -39.69
CA HIS B 251 -18.57 20.07 -38.41
C HIS B 251 -18.50 18.55 -38.32
N ASN B 252 -18.19 17.92 -39.45
CA ASN B 252 -17.98 16.48 -39.55
C ASN B 252 -19.09 15.61 -39.01
N CYS B 253 -20.34 16.00 -39.24
CA CYS B 253 -21.45 15.22 -38.72
C CYS B 253 -22.24 14.59 -39.84
N TYR B 254 -22.95 13.53 -39.52
CA TYR B 254 -23.70 12.79 -40.52
C TYR B 254 -25.06 12.46 -39.99
N MET B 255 -26.03 12.31 -40.90
CA MET B 255 -27.31 11.76 -40.52
C MET B 255 -27.27 10.31 -40.93
N VAL B 256 -27.47 9.42 -39.96
CA VAL B 256 -27.34 8.01 -40.23
C VAL B 256 -28.59 7.29 -39.80
N CYS B 257 -29.09 6.41 -40.64
CA CYS B 257 -30.28 5.68 -40.30
C CYS B 257 -30.00 4.19 -40.33
N LEU B 258 -30.65 3.42 -39.46
CA LEU B 258 -30.45 1.98 -39.46
C LEU B 258 -30.92 1.41 -40.79
N VAL B 259 -30.19 0.43 -41.33
CA VAL B 259 -30.62 -0.19 -42.58
C VAL B 259 -31.95 -0.94 -42.44
N ALA B 264 -33.69 9.00 -38.55
CA ALA B 264 -32.28 9.20 -38.90
C ALA B 264 -31.67 10.39 -38.16
N PRO B 265 -31.20 10.17 -36.91
CA PRO B 265 -30.63 11.25 -36.10
C PRO B 265 -29.22 11.63 -36.56
N VAL B 266 -28.65 12.67 -35.96
CA VAL B 266 -27.35 13.18 -36.36
C VAL B 266 -26.25 12.75 -35.39
N VAL B 267 -25.13 12.26 -35.93
CA VAL B 267 -24.03 11.72 -35.15
C VAL B 267 -22.66 12.25 -35.60
N LYS B 268 -21.69 12.20 -34.70
CA LYS B 268 -20.34 12.67 -35.00
C LYS B 268 -19.56 11.67 -35.82
N HIS B 269 -18.49 12.14 -36.42
CA HIS B 269 -17.58 11.29 -37.16
C HIS B 269 -17.01 10.20 -36.25
N SER B 270 -16.85 10.52 -34.96
CA SER B 270 -16.34 9.54 -33.99
C SER B 270 -17.27 8.34 -33.89
N ASP B 271 -18.58 8.59 -33.93
CA ASP B 271 -19.59 7.56 -33.70
C ASP B 271 -19.80 6.67 -34.90
N LEU B 272 -19.13 6.97 -36.02
CA LEU B 272 -19.29 6.13 -37.20
C LEU B 272 -18.08 5.24 -37.40
N ARG B 273 -18.26 4.22 -38.22
CA ARG B 273 -17.27 3.17 -38.40
C ARG B 273 -17.46 2.65 -39.81
N PRO B 274 -16.36 2.30 -40.48
CA PRO B 274 -16.52 1.63 -41.77
C PRO B 274 -17.03 0.19 -41.58
N CYS B 275 -17.80 -0.33 -42.53
CA CYS B 275 -18.24 -1.72 -42.47
C CYS B 275 -17.11 -2.67 -42.79
N LYS B 276 -16.66 -3.38 -41.76
CA LYS B 276 -15.49 -4.21 -41.86
C LYS B 276 -15.79 -5.61 -41.32
N VAL B 277 -15.10 -6.59 -41.88
CA VAL B 277 -15.29 -7.96 -41.51
C VAL B 277 -13.95 -8.66 -41.34
N TRP B 278 -13.93 -9.69 -40.52
CA TRP B 278 -12.70 -10.37 -40.20
C TRP B 278 -12.76 -11.78 -40.70
N GLU B 279 -11.81 -12.17 -41.55
CA GLU B 279 -11.74 -13.54 -42.01
C GLU B 279 -10.53 -14.16 -41.40
N ASP B 280 -9.39 -13.68 -41.83
CA ASP B 280 -8.15 -13.97 -41.15
C ASP B 280 -7.46 -12.64 -40.88
N GLY B 281 -7.67 -11.71 -41.80
CA GLY B 281 -7.22 -10.36 -41.68
C GLY B 281 -8.48 -9.59 -41.95
N GLN B 282 -8.57 -8.37 -41.45
CA GLN B 282 -9.79 -7.60 -41.63
C GLN B 282 -9.92 -7.06 -43.06
N THR B 283 -11.14 -7.00 -43.56
CA THR B 283 -11.35 -6.44 -44.89
C THR B 283 -12.75 -5.88 -45.06
N PRO B 284 -12.95 -4.96 -46.00
CA PRO B 284 -14.28 -4.48 -46.39
C PRO B 284 -15.12 -5.56 -47.09
N VAL B 285 -16.44 -5.51 -46.88
CA VAL B 285 -17.44 -6.16 -47.74
C VAL B 285 -18.80 -5.50 -47.56
#